data_4B9D
#
_entry.id   4B9D
#
_cell.length_a   90.360
_cell.length_b   93.660
_cell.length_c   164.960
_cell.angle_alpha   90.00
_cell.angle_beta   90.00
_cell.angle_gamma   90.00
#
_symmetry.space_group_name_H-M   'C 2 2 21'
#
loop_
_entity.id
_entity.type
_entity.pdbx_description
1 polymer 'SERINE/THREONINE-PROTEIN KINASE NEK1'
2 non-polymer [4-(2-AMINO-4-METHYL-THIAZOL-5-YL)-PYRIMIDIN-2-YL]-(3-NITRO-PHENYL)-AMINE
3 non-polymer 'CHLORIDE ION'
4 non-polymer 1,2-ETHANEDIOL
5 water water
#
_entity_poly.entity_id   1
_entity_poly.type   'polypeptide(L)'
_entity_poly.pdbx_seq_one_letter_code
;MHHHHHHSSGVDLGTENLYFQSMEKYVRLQKIGEGSFGKAILVKSTEDGRQYVIKEINISRMSSKEREESRREVAVLANM
KHPNIVQYRESFEENGSLYIVMDYCEGGDLFKRINAQKGVLFQEDQILDWFVQICLALKHVHDRKILHRDIKSQNIFLTK
DGTVQLGDFGIARVLNSTVELARACIGTPYYLSPEICENKPYNNKSDIWALGCVLYELCTLKHAFEAGSMKNLVLKIISG
SFPPVSLHYSYDLRSLVSQLFKRNPRDRPSVNSILEKGFIAKRIEKFLSPQLIAEEFCLKTFSKFGSQPIPAKRPASGQN
SISVMPAQKITKPAAKYGIPLAYKKYGDKK
;
_entity_poly.pdbx_strand_id   A,B
#
loop_
_chem_comp.id
_chem_comp.type
_chem_comp.name
_chem_comp.formula
CK7 non-polymer [4-(2-AMINO-4-METHYL-THIAZOL-5-YL)-PYRIMIDIN-2-YL]-(3-NITRO-PHENYL)-AMINE 'C14 H12 N6 O2 S'
CL non-polymer 'CHLORIDE ION' 'Cl -1'
EDO non-polymer 1,2-ETHANEDIOL 'C2 H6 O2'
#
# COMPACT_ATOMS: atom_id res chain seq x y z
N HIS A 4 -38.55 17.58 1.85
CA HIS A 4 -38.41 16.68 0.66
C HIS A 4 -38.34 17.45 -0.68
N HIS A 5 -38.63 18.75 -0.67
CA HIS A 5 -38.41 19.63 -1.84
C HIS A 5 -36.90 19.74 -2.12
N HIS A 6 -36.45 19.26 -3.29
CA HIS A 6 -35.05 18.93 -3.49
C HIS A 6 -34.31 19.67 -4.60
N HIS A 7 -33.02 19.84 -4.35
CA HIS A 7 -32.04 20.06 -5.40
C HIS A 7 -30.62 19.76 -4.86
N THR A 15 -33.73 6.53 2.80
CA THR A 15 -32.91 5.61 2.00
C THR A 15 -31.93 4.76 2.83
N GLU A 16 -31.68 5.13 4.08
CA GLU A 16 -30.79 4.32 4.93
C GLU A 16 -31.52 3.03 5.29
N ASN A 17 -30.87 1.89 5.15
CA ASN A 17 -31.60 0.67 5.45
C ASN A 17 -31.39 0.23 6.89
N LEU A 18 -32.41 -0.43 7.38
CA LEU A 18 -32.44 -0.87 8.77
C LEU A 18 -32.81 -2.33 8.70
N TYR A 19 -32.00 -3.15 9.36
CA TYR A 19 -32.24 -4.58 9.43
C TYR A 19 -31.84 -5.06 10.84
N PHE A 20 -32.66 -5.91 11.44
CA PHE A 20 -32.31 -6.60 12.64
C PHE A 20 -33.17 -7.84 12.80
N GLN A 21 -32.63 -8.80 13.54
CA GLN A 21 -33.29 -10.06 13.81
C GLN A 21 -33.56 -10.32 15.32
N SER A 22 -33.13 -9.45 16.21
CA SER A 22 -33.36 -9.70 17.64
C SER A 22 -33.14 -8.40 18.39
N MET A 23 -33.66 -8.32 19.61
CA MET A 23 -33.53 -7.12 20.43
C MET A 23 -32.20 -7.03 21.15
N GLU A 24 -31.41 -8.10 21.10
CA GLU A 24 -30.20 -8.17 21.89
C GLU A 24 -29.27 -6.98 21.60
N LYS A 25 -28.79 -6.34 22.65
CA LYS A 25 -27.90 -5.19 22.49
C LYS A 25 -26.48 -5.57 22.89
N TYR A 26 -25.50 -4.95 22.24
CA TYR A 26 -24.09 -5.27 22.47
C TYR A 26 -23.32 -4.03 22.92
N VAL A 27 -22.42 -4.18 23.88
CA VAL A 27 -21.52 -3.09 24.32
C VAL A 27 -20.11 -3.29 23.77
N ARG A 28 -19.58 -2.26 23.11
CA ARG A 28 -18.20 -2.29 22.59
C ARG A 28 -17.21 -2.35 23.73
N LEU A 29 -16.31 -3.33 23.68
CA LEU A 29 -15.26 -3.41 24.68
C LEU A 29 -13.92 -2.94 24.14
N GLN A 30 -13.61 -3.30 22.90
CA GLN A 30 -12.23 -3.24 22.42
C GLN A 30 -12.18 -3.56 20.93
N LYS A 31 -11.31 -2.88 20.19
CA LYS A 31 -10.99 -3.33 18.82
C LYS A 31 -10.09 -4.56 18.98
N ILE A 32 -10.21 -5.50 18.06
CA ILE A 32 -9.31 -6.65 18.00
C ILE A 32 -8.81 -6.90 16.59
N LYS A 39 -11.57 -3.75 11.25
CA LYS A 39 -12.86 -3.35 11.82
C LYS A 39 -13.61 -4.51 12.50
N ALA A 40 -12.86 -5.46 13.12
CA ALA A 40 -13.44 -6.41 14.13
C ALA A 40 -13.42 -5.85 15.56
N ILE A 41 -14.56 -5.99 16.23
CA ILE A 41 -14.77 -5.42 17.57
C ILE A 41 -15.19 -6.47 18.59
N LEU A 42 -14.54 -6.50 19.74
CA LEU A 42 -14.96 -7.37 20.83
C LEU A 42 -16.10 -6.69 21.58
N VAL A 43 -17.23 -7.39 21.73
CA VAL A 43 -18.41 -6.86 22.43
C VAL A 43 -18.91 -7.83 23.48
N LYS A 44 -19.73 -7.29 24.39
CA LYS A 44 -20.43 -8.06 25.42
C LYS A 44 -21.92 -7.81 25.21
N SER A 45 -22.70 -8.87 25.26
CA SER A 45 -24.14 -8.76 25.32
C SER A 45 -24.62 -8.13 26.62
N THR A 46 -25.56 -7.20 26.53
CA THR A 46 -26.20 -6.61 27.74
C THR A 46 -27.24 -7.54 28.33
N GLU A 47 -27.68 -8.53 27.56
CA GLU A 47 -28.50 -9.61 28.06
C GLU A 47 -27.79 -10.40 29.17
N ASP A 48 -26.78 -11.16 28.81
CA ASP A 48 -26.16 -12.11 29.73
C ASP A 48 -24.65 -11.95 29.86
N GLY A 49 -24.10 -10.85 29.37
CA GLY A 49 -22.65 -10.62 29.46
C GLY A 49 -21.76 -11.52 28.62
N ARG A 50 -22.32 -12.38 27.76
CA ARG A 50 -21.49 -13.22 26.89
C ARG A 50 -20.81 -12.37 25.82
N GLN A 51 -19.60 -12.80 25.46
CA GLN A 51 -18.73 -12.04 24.55
C GLN A 51 -18.95 -12.52 23.14
N TYR A 52 -18.86 -11.59 22.21
CA TYR A 52 -19.01 -11.87 20.78
C TYR A 52 -18.06 -10.96 20.04
N VAL A 53 -17.82 -11.30 18.78
CA VAL A 53 -17.08 -10.46 17.88
C VAL A 53 -18.03 -9.92 16.80
N ILE A 54 -17.90 -8.63 16.51
CA ILE A 54 -18.68 -7.97 15.50
C ILE A 54 -17.74 -7.38 14.46
N LYS A 55 -17.96 -7.74 13.20
CA LYS A 55 -17.28 -7.16 12.06
C LYS A 55 -18.21 -6.14 11.40
N GLU A 56 -17.69 -4.94 11.18
CA GLU A 56 -18.47 -3.84 10.64
C GLU A 56 -18.01 -3.62 9.22
N ILE A 57 -18.97 -3.53 8.30
CA ILE A 57 -18.68 -3.24 6.90
C ILE A 57 -19.41 -1.97 6.54
N ASN A 58 -18.70 -0.98 6.02
CA ASN A 58 -19.40 0.19 5.56
C ASN A 58 -20.08 -0.14 4.24
N ILE A 59 -21.34 0.23 4.14
CA ILE A 59 -22.15 -0.10 2.98
C ILE A 59 -22.54 1.18 2.22
N SER A 60 -22.86 2.25 2.95
CA SER A 60 -23.37 3.49 2.36
C SER A 60 -22.48 4.11 1.27
N ARG A 61 -21.16 3.86 1.32
CA ARG A 61 -20.24 4.33 0.26
C ARG A 61 -19.87 3.26 -0.79
N MET A 62 -20.74 2.27 -0.99
CA MET A 62 -20.60 1.27 -2.05
C MET A 62 -21.52 1.59 -3.22
N SER A 63 -21.15 1.11 -4.41
CA SER A 63 -22.00 1.19 -5.61
C SER A 63 -23.24 0.31 -5.47
N SER A 64 -24.07 0.31 -6.50
CA SER A 64 -25.17 -0.66 -6.61
C SER A 64 -24.61 -2.08 -6.69
N LYS A 65 -23.69 -2.31 -7.64
CA LYS A 65 -23.06 -3.62 -7.85
C LYS A 65 -22.42 -4.19 -6.56
N GLU A 66 -21.57 -3.39 -5.92
CA GLU A 66 -20.85 -3.80 -4.71
C GLU A 66 -21.78 -4.15 -3.53
N ARG A 67 -22.89 -3.43 -3.41
CA ARG A 67 -23.88 -3.73 -2.38
C ARG A 67 -24.61 -5.01 -2.68
N GLU A 68 -24.90 -5.27 -3.96
CA GLU A 68 -25.60 -6.49 -4.31
C GLU A 68 -24.71 -7.69 -3.98
N GLU A 69 -23.39 -7.54 -4.21
CA GLU A 69 -22.43 -8.59 -3.88
C GLU A 69 -22.18 -8.76 -2.37
N SER A 70 -22.17 -7.68 -1.61
CA SER A 70 -22.02 -7.80 -0.15
C SER A 70 -23.24 -8.49 0.46
N ARG A 71 -24.41 -8.15 -0.03
CA ARG A 71 -25.61 -8.80 0.46
C ARG A 71 -25.59 -10.29 0.16
N ARG A 72 -25.13 -10.63 -1.05
CA ARG A 72 -24.97 -12.02 -1.45
C ARG A 72 -23.93 -12.74 -0.57
N GLU A 73 -22.79 -12.11 -0.32
CA GLU A 73 -21.80 -12.66 0.63
C GLU A 73 -22.40 -12.90 2.03
N VAL A 74 -23.16 -11.93 2.59
CA VAL A 74 -23.65 -12.10 3.97
C VAL A 74 -24.65 -13.21 4.07
N ALA A 75 -25.50 -13.33 3.07
CA ALA A 75 -26.46 -14.43 3.00
C ALA A 75 -25.71 -15.76 2.99
N VAL A 76 -24.61 -15.86 2.26
CA VAL A 76 -23.81 -17.09 2.28
C VAL A 76 -23.26 -17.35 3.68
N LEU A 77 -22.65 -16.31 4.30
CA LEU A 77 -22.15 -16.43 5.68
C LEU A 77 -23.24 -16.85 6.62
N ALA A 78 -24.41 -16.24 6.49
CA ALA A 78 -25.47 -16.50 7.43
C ALA A 78 -26.01 -17.92 7.37
N ASN A 79 -25.83 -18.62 6.25
CA ASN A 79 -26.37 -19.96 6.13
C ASN A 79 -25.37 -21.06 6.40
N MET A 80 -24.12 -20.68 6.56
CA MET A 80 -23.02 -21.60 6.74
C MET A 80 -23.03 -22.10 8.20
N LYS A 81 -22.93 -23.40 8.36
CA LYS A 81 -22.83 -24.00 9.70
C LYS A 81 -21.95 -25.22 9.64
N HIS A 82 -20.89 -25.20 10.44
CA HIS A 82 -19.95 -26.33 10.49
C HIS A 82 -19.25 -26.23 11.82
N PRO A 83 -18.92 -27.38 12.47
CA PRO A 83 -18.26 -27.33 13.78
C PRO A 83 -16.86 -26.65 13.75
N ASN A 84 -16.24 -26.56 12.57
CA ASN A 84 -14.91 -25.98 12.43
C ASN A 84 -14.87 -24.62 11.69
N ILE A 85 -16.03 -23.98 11.58
CA ILE A 85 -16.15 -22.61 11.12
C ILE A 85 -16.73 -21.74 12.26
N VAL A 86 -16.19 -20.53 12.45
CA VAL A 86 -16.67 -19.63 13.51
C VAL A 86 -18.17 -19.45 13.35
N GLN A 87 -18.92 -19.53 14.43
CA GLN A 87 -20.39 -19.60 14.27
C GLN A 87 -21.00 -18.18 14.15
N TYR A 88 -21.71 -17.99 13.05
CA TYR A 88 -22.45 -16.73 12.79
C TYR A 88 -23.62 -16.67 13.79
N ARG A 89 -23.86 -15.52 14.41
CA ARG A 89 -24.97 -15.38 15.40
C ARG A 89 -26.12 -14.61 14.72
N GLU A 90 -25.81 -13.42 14.22
CA GLU A 90 -26.82 -12.62 13.53
C GLU A 90 -26.12 -11.47 12.81
N SER A 91 -26.89 -10.70 12.05
CA SER A 91 -26.39 -9.46 11.51
C SER A 91 -27.43 -8.37 11.71
N PHE A 92 -26.99 -7.14 11.60
CA PHE A 92 -27.86 -6.00 11.60
C PHE A 92 -27.30 -4.87 10.80
N GLU A 93 -28.18 -3.97 10.34
CA GLU A 93 -27.79 -2.82 9.57
C GLU A 93 -28.35 -1.58 10.20
N GLU A 94 -27.50 -0.56 10.29
CA GLU A 94 -27.88 0.74 10.82
C GLU A 94 -26.75 1.71 10.53
N ASN A 95 -27.09 2.98 10.41
CA ASN A 95 -26.11 4.05 10.25
C ASN A 95 -25.14 3.88 9.08
N GLY A 96 -25.61 3.23 8.01
CA GLY A 96 -24.81 3.05 6.80
C GLY A 96 -23.80 1.95 6.88
N SER A 97 -23.87 1.13 7.93
CA SER A 97 -23.03 -0.02 8.06
C SER A 97 -23.84 -1.31 8.24
N LEU A 98 -23.17 -2.38 7.89
CA LEU A 98 -23.60 -3.71 8.11
C LEU A 98 -22.72 -4.27 9.22
N TYR A 99 -23.34 -4.98 10.15
CA TYR A 99 -22.60 -5.59 11.27
C TYR A 99 -22.87 -7.05 11.29
N ILE A 100 -21.83 -7.86 11.37
CA ILE A 100 -21.96 -9.30 11.48
C ILE A 100 -21.49 -9.74 12.89
N VAL A 101 -22.36 -10.42 13.62
CA VAL A 101 -22.09 -10.88 14.95
C VAL A 101 -21.73 -12.36 14.89
N MET A 102 -20.57 -12.69 15.46
CA MET A 102 -20.19 -14.06 15.60
C MET A 102 -19.62 -14.42 16.96
N ASP A 103 -19.45 -15.72 17.17
CA ASP A 103 -18.91 -16.21 18.41
C ASP A 103 -17.48 -15.78 18.65
N TYR A 104 -17.18 -15.51 19.92
CA TYR A 104 -15.85 -15.15 20.35
C TYR A 104 -15.11 -16.47 20.66
N CYS A 105 -14.01 -16.74 19.99
CA CYS A 105 -13.19 -17.93 20.28
C CYS A 105 -12.18 -17.57 21.36
N GLU A 106 -12.40 -18.07 22.57
CA GLU A 106 -11.62 -17.64 23.72
C GLU A 106 -10.13 -18.00 23.68
N GLY A 107 -9.74 -18.96 22.86
CA GLY A 107 -8.32 -19.37 22.81
C GLY A 107 -7.47 -18.52 21.89
N GLY A 108 -8.08 -17.54 21.22
CA GLY A 108 -7.35 -16.69 20.31
C GLY A 108 -6.98 -17.32 18.97
N ASP A 109 -6.12 -16.62 18.23
CA ASP A 109 -5.77 -17.07 16.89
C ASP A 109 -4.54 -17.95 16.88
N LEU A 110 -4.41 -18.73 15.82
CA LEU A 110 -3.26 -19.64 15.66
C LEU A 110 -1.96 -18.87 15.50
N PHE A 111 -2.00 -17.67 14.91
CA PHE A 111 -0.79 -16.84 14.80
C PHE A 111 -0.15 -16.66 16.18
N LYS A 112 -0.94 -16.23 17.16
CA LYS A 112 -0.46 -16.04 18.52
C LYS A 112 -0.02 -17.35 19.15
N ARG A 113 -0.77 -18.40 18.89
CA ARG A 113 -0.44 -19.71 19.44
CA ARG A 113 -0.44 -19.71 19.45
C ARG A 113 0.93 -20.19 18.95
N ILE A 114 1.22 -19.93 17.68
CA ILE A 114 2.48 -20.30 17.08
C ILE A 114 3.62 -19.52 17.76
N ASN A 115 3.48 -18.20 17.86
CA ASN A 115 4.48 -17.37 18.55
C ASN A 115 4.68 -17.77 20.01
N ALA A 116 3.63 -18.21 20.69
CA ALA A 116 3.76 -18.63 22.10
C ALA A 116 4.66 -19.85 22.30
N GLN A 117 4.93 -20.62 21.25
CA GLN A 117 5.90 -21.72 21.35
C GLN A 117 7.33 -21.21 21.58
N LYS A 118 7.58 -19.95 21.27
CA LYS A 118 8.91 -19.34 21.41
C LYS A 118 10.00 -20.26 20.86
N GLY A 119 9.80 -20.73 19.63
CA GLY A 119 10.79 -21.58 18.97
C GLY A 119 10.69 -23.09 19.18
N VAL A 120 9.90 -23.54 20.15
CA VAL A 120 9.72 -24.97 20.40
C VAL A 120 8.72 -25.57 19.40
N LEU A 121 9.19 -26.52 18.60
CA LEU A 121 8.35 -27.08 17.54
C LEU A 121 7.20 -27.90 18.10
N PHE A 122 6.05 -27.84 17.42
CA PHE A 122 4.91 -28.62 17.82
C PHE A 122 5.14 -30.11 17.55
N GLN A 123 4.49 -30.96 18.33
CA GLN A 123 4.42 -32.38 18.00
C GLN A 123 3.62 -32.59 16.74
N GLU A 124 4.04 -33.54 15.93
CA GLU A 124 3.31 -33.85 14.70
C GLU A 124 1.83 -34.17 14.95
N ASP A 125 1.51 -34.90 16.00
CA ASP A 125 0.08 -35.19 16.26
C ASP A 125 -0.75 -33.95 16.50
N GLN A 126 -0.19 -32.95 17.17
CA GLN A 126 -0.90 -31.69 17.39
C GLN A 126 -1.08 -30.91 16.07
N ILE A 127 -0.03 -30.88 15.24
CA ILE A 127 -0.11 -30.21 13.94
C ILE A 127 -1.25 -30.82 13.12
N LEU A 128 -1.24 -32.14 13.04
CA LEU A 128 -2.20 -32.86 12.20
C LEU A 128 -3.62 -32.75 12.73
N ASP A 129 -3.82 -32.77 14.05
CA ASP A 129 -5.19 -32.64 14.60
C ASP A 129 -5.76 -31.26 14.28
N TRP A 130 -4.93 -30.23 14.37
CA TRP A 130 -5.36 -28.89 13.97
C TRP A 130 -5.59 -28.84 12.47
N PHE A 131 -4.67 -29.38 11.70
CA PHE A 131 -4.73 -29.29 10.23
C PHE A 131 -5.97 -29.97 9.67
N VAL A 132 -6.31 -31.15 10.20
CA VAL A 132 -7.52 -31.84 9.71
CA VAL A 132 -7.51 -31.83 9.73
C VAL A 132 -8.77 -31.00 9.92
N GLN A 133 -8.86 -30.29 11.05
CA GLN A 133 -9.98 -29.42 11.32
C GLN A 133 -10.06 -28.26 10.32
N ILE A 134 -8.94 -27.63 10.01
CA ILE A 134 -8.88 -26.60 8.96
C ILE A 134 -9.33 -27.16 7.61
N CYS A 135 -8.82 -28.35 7.24
CA CYS A 135 -9.26 -29.00 6.02
C CYS A 135 -10.74 -29.34 5.96
N LEU A 136 -11.32 -29.76 7.06
CA LEU A 136 -12.76 -30.05 7.07
C LEU A 136 -13.57 -28.77 6.84
N ALA A 137 -13.14 -27.67 7.47
CA ALA A 137 -13.79 -26.36 7.27
C ALA A 137 -13.72 -25.95 5.81
N LEU A 138 -12.53 -26.04 5.24
CA LEU A 138 -12.29 -25.64 3.85
C LEU A 138 -13.02 -26.55 2.84
N LYS A 139 -13.11 -27.83 3.15
CA LYS A 139 -13.96 -28.73 2.35
C LYS A 139 -15.38 -28.22 2.34
N HIS A 140 -15.90 -27.80 3.49
CA HIS A 140 -17.30 -27.36 3.57
C HIS A 140 -17.53 -26.14 2.65
N VAL A 141 -16.57 -25.23 2.65
CA VAL A 141 -16.64 -24.00 1.79
C VAL A 141 -16.47 -24.34 0.30
N HIS A 142 -15.43 -25.09 0.00
CA HIS A 142 -15.11 -25.46 -1.41
C HIS A 142 -16.16 -26.34 -2.04
N ASP A 143 -16.77 -27.25 -1.27
CA ASP A 143 -17.83 -28.12 -1.85
C ASP A 143 -18.97 -27.29 -2.42
N ARG A 144 -19.21 -26.13 -1.82
CA ARG A 144 -20.29 -25.23 -2.24
C ARG A 144 -19.83 -24.21 -3.30
N LYS A 145 -18.62 -24.40 -3.81
CA LYS A 145 -18.01 -23.52 -4.85
C LYS A 145 -17.75 -22.12 -4.35
N ILE A 146 -17.37 -22.02 -3.08
CA ILE A 146 -17.10 -20.74 -2.43
C ILE A 146 -15.59 -20.67 -2.27
N LEU A 147 -15.01 -19.52 -2.57
CA LEU A 147 -13.58 -19.28 -2.31
C LEU A 147 -13.42 -18.63 -0.94
N HIS A 148 -12.29 -18.86 -0.29
CA HIS A 148 -11.98 -18.17 0.92
C HIS A 148 -10.73 -17.33 0.73
N ARG A 149 -10.86 -16.02 0.78
CA ARG A 149 -9.71 -15.14 0.53
C ARG A 149 -8.82 -14.97 1.75
N ASP A 150 -9.14 -15.62 2.85
CA ASP A 150 -8.47 -15.30 4.08
C ASP A 150 -8.12 -16.53 4.92
N ILE A 151 -7.55 -17.55 4.27
CA ILE A 151 -6.97 -18.66 4.97
C ILE A 151 -5.61 -18.20 5.45
N LYS A 152 -5.58 -17.81 6.72
CA LYS A 152 -4.39 -17.24 7.33
C LYS A 152 -4.39 -17.68 8.80
N SER A 153 -3.22 -17.80 9.40
CA SER A 153 -3.14 -18.18 10.80
C SER A 153 -3.76 -17.13 11.73
N GLN A 154 -3.79 -15.87 11.30
CA GLN A 154 -4.49 -14.83 12.04
C GLN A 154 -6.05 -14.90 11.92
N ASN A 155 -6.55 -15.74 11.03
CA ASN A 155 -7.98 -15.93 10.83
C ASN A 155 -8.44 -17.37 11.10
N ILE A 156 -7.66 -18.10 11.93
CA ILE A 156 -8.01 -19.42 12.41
C ILE A 156 -7.88 -19.35 13.92
N PHE A 157 -8.89 -19.83 14.63
CA PHE A 157 -9.03 -19.57 16.06
C PHE A 157 -9.23 -20.87 16.82
N LEU A 158 -8.97 -20.80 18.13
CA LEU A 158 -9.20 -21.88 19.03
C LEU A 158 -10.31 -21.48 20.00
N THR A 159 -11.27 -22.39 20.19
CA THR A 159 -12.31 -22.22 21.20
C THR A 159 -11.77 -22.56 22.58
N LYS A 160 -12.59 -22.29 23.60
CA LYS A 160 -12.20 -22.60 24.97
C LYS A 160 -11.85 -24.06 25.17
N ASP A 161 -12.50 -24.95 24.44
CA ASP A 161 -12.19 -26.36 24.58
C ASP A 161 -11.14 -26.87 23.57
N GLY A 162 -10.52 -25.97 22.84
CA GLY A 162 -9.41 -26.31 21.95
C GLY A 162 -9.78 -26.64 20.51
N THR A 163 -11.07 -26.58 20.17
CA THR A 163 -11.55 -26.82 18.82
C THR A 163 -11.04 -25.68 17.91
N VAL A 164 -10.59 -26.07 16.74
CA VAL A 164 -10.15 -25.12 15.73
C VAL A 164 -11.30 -24.61 14.90
N GLN A 165 -11.37 -23.30 14.67
CA GLN A 165 -12.40 -22.74 13.82
C GLN A 165 -11.82 -21.78 12.81
N LEU A 166 -12.11 -22.05 11.55
CA LEU A 166 -11.77 -21.13 10.47
C LEU A 166 -12.72 -19.93 10.50
N GLY A 167 -12.15 -18.72 10.42
CA GLY A 167 -12.95 -17.51 10.39
C GLY A 167 -13.82 -17.46 9.13
N ASP A 168 -15.06 -17.01 9.27
CA ASP A 168 -16.03 -17.19 8.17
C ASP A 168 -15.85 -15.99 7.27
N PHE A 169 -15.75 -14.84 7.90
CA PHE A 169 -15.51 -13.59 7.20
C PHE A 169 -14.25 -13.74 6.33
N GLY A 170 -14.42 -13.42 5.05
CA GLY A 170 -13.38 -13.65 4.07
C GLY A 170 -13.83 -14.57 2.94
N ILE A 171 -14.90 -15.32 3.16
CA ILE A 171 -15.47 -16.03 2.01
C ILE A 171 -15.88 -15.05 0.90
N ALA A 172 -15.85 -15.59 -0.31
CA ALA A 172 -16.04 -14.84 -1.52
C ALA A 172 -16.69 -15.72 -2.56
N ARG A 173 -17.58 -15.15 -3.35
CA ARG A 173 -18.16 -15.85 -4.50
C ARG A 173 -17.31 -15.76 -5.78
N VAL A 174 -16.35 -14.83 -5.79
CA VAL A 174 -15.44 -14.59 -6.92
C VAL A 174 -14.42 -13.59 -6.35
N LEU A 175 -13.18 -13.62 -6.85
CA LEU A 175 -12.13 -12.74 -6.36
C LEU A 175 -11.35 -12.18 -7.56
N ASN A 176 -11.07 -10.88 -7.51
CA ASN A 176 -10.34 -10.20 -8.56
C ASN A 176 -8.85 -10.25 -8.23
N SER A 177 -8.07 -10.71 -9.19
CA SER A 177 -6.65 -10.98 -8.95
C SER A 177 -5.81 -9.72 -8.63
N THR A 178 -6.06 -8.66 -9.35
CA THR A 178 -5.40 -7.37 -9.08
C THR A 178 -5.71 -6.88 -7.68
N VAL A 179 -6.98 -6.98 -7.27
CA VAL A 179 -7.40 -6.51 -5.96
C VAL A 179 -6.74 -7.37 -4.88
N GLU A 180 -6.68 -8.67 -5.09
CA GLU A 180 -6.01 -9.54 -4.12
C GLU A 180 -4.51 -9.18 -3.96
N LEU A 181 -3.85 -8.92 -5.08
CA LEU A 181 -2.44 -8.54 -5.05
C LEU A 181 -2.28 -7.22 -4.29
N ALA A 182 -3.11 -6.22 -4.63
CA ALA A 182 -3.10 -4.93 -3.91
C ALA A 182 -3.27 -5.06 -2.41
N ARG A 183 -4.26 -5.85 -2.00
CA ARG A 183 -4.58 -6.09 -0.58
C ARG A 183 -3.37 -6.65 0.14
N ALA A 184 -2.64 -7.54 -0.54
CA ALA A 184 -1.45 -8.16 0.00
C ALA A 184 -0.26 -7.20 0.12
N CYS A 185 -0.04 -6.34 -0.88
CA CYS A 185 1.02 -5.33 -0.84
C CYS A 185 0.75 -4.36 0.38
N ILE A 186 -0.49 -4.23 0.85
CA ILE A 186 -0.90 -3.35 1.97
C ILE A 186 -1.03 -4.03 3.34
N GLY A 187 -1.59 -5.23 3.36
CA GLY A 187 -1.77 -6.00 4.58
C GLY A 187 -0.71 -7.07 4.66
N THR A 188 -1.13 -8.30 4.91
CA THR A 188 -0.22 -9.44 5.00
C THR A 188 0.03 -10.04 3.62
N PRO A 189 1.30 -10.11 3.19
CA PRO A 189 1.61 -10.68 1.90
C PRO A 189 2.02 -12.16 1.94
N TYR A 190 2.07 -12.78 3.13
CA TYR A 190 2.73 -14.08 3.28
C TYR A 190 1.99 -15.26 2.65
N TYR A 191 0.74 -15.06 2.24
CA TYR A 191 -0.08 -16.15 1.73
C TYR A 191 -0.32 -16.10 0.21
N LEU A 192 0.34 -15.17 -0.46
CA LEU A 192 0.14 -14.93 -1.89
C LEU A 192 0.61 -16.12 -2.70
N SER A 193 -0.27 -16.59 -3.58
CA SER A 193 0.01 -17.70 -4.49
C SER A 193 0.78 -17.20 -5.73
N PRO A 194 1.53 -18.09 -6.41
CA PRO A 194 2.26 -17.67 -7.62
C PRO A 194 1.36 -17.12 -8.71
N GLU A 195 0.18 -17.70 -8.88
CA GLU A 195 -0.74 -17.26 -9.93
C GLU A 195 -1.19 -15.81 -9.71
N ILE A 196 -1.45 -15.43 -8.46
CA ILE A 196 -1.84 -14.08 -8.13
C ILE A 196 -0.66 -13.13 -8.30
N CYS A 197 0.52 -13.61 -7.97
CA CYS A 197 1.75 -12.83 -8.24
C CYS A 197 1.95 -12.49 -9.72
N GLU A 198 1.41 -13.34 -10.58
CA GLU A 198 1.55 -13.16 -12.03
C GLU A 198 0.28 -12.56 -12.62
N ASN A 199 -0.64 -12.13 -11.74
CA ASN A 199 -1.89 -11.52 -12.13
C ASN A 199 -2.78 -12.46 -12.97
N LYS A 200 -2.77 -13.76 -12.64
CA LYS A 200 -3.66 -14.76 -13.25
C LYS A 200 -4.86 -15.05 -12.34
N PRO A 201 -5.87 -15.79 -12.82
CA PRO A 201 -7.10 -15.91 -12.01
C PRO A 201 -6.95 -16.58 -10.67
N TYR A 202 -7.61 -16.03 -9.66
CA TYR A 202 -7.76 -16.66 -8.34
C TYR A 202 -8.70 -17.85 -8.48
N ASN A 203 -8.36 -18.96 -7.88
CA ASN A 203 -9.17 -20.15 -7.99
C ASN A 203 -9.08 -20.96 -6.70
N ASN A 204 -9.82 -22.05 -6.61
CA ASN A 204 -9.79 -22.88 -5.40
C ASN A 204 -8.37 -23.32 -5.00
N LYS A 205 -7.50 -23.52 -5.97
CA LYS A 205 -6.15 -24.00 -5.67
C LYS A 205 -5.32 -22.89 -5.08
N SER A 206 -5.72 -21.63 -5.29
CA SER A 206 -5.07 -20.51 -4.63
C SER A 206 -5.34 -20.59 -3.12
N ASP A 207 -6.54 -21.04 -2.73
CA ASP A 207 -6.84 -21.30 -1.32
C ASP A 207 -5.96 -22.44 -0.77
N ILE A 208 -5.73 -23.46 -1.58
CA ILE A 208 -4.84 -24.59 -1.24
C ILE A 208 -3.36 -24.14 -0.97
N TRP A 209 -2.84 -23.24 -1.79
CA TRP A 209 -1.57 -22.59 -1.49
C TRP A 209 -1.56 -21.93 -0.10
N ALA A 210 -2.57 -21.14 0.22
CA ALA A 210 -2.67 -20.49 1.53
C ALA A 210 -2.80 -21.50 2.68
N LEU A 211 -3.57 -22.54 2.46
CA LEU A 211 -3.58 -23.70 3.39
C LEU A 211 -2.18 -24.29 3.64
N GLY A 212 -1.39 -24.42 2.57
CA GLY A 212 0.01 -24.82 2.66
C GLY A 212 0.86 -23.88 3.49
N CYS A 213 0.64 -22.58 3.33
CA CYS A 213 1.37 -21.59 4.15
C CYS A 213 1.07 -21.77 5.64
N VAL A 214 -0.21 -22.04 5.95
CA VAL A 214 -0.61 -22.24 7.33
C VAL A 214 0.05 -23.52 7.86
N LEU A 215 -0.04 -24.59 7.10
CA LEU A 215 0.61 -25.85 7.48
C LEU A 215 2.11 -25.67 7.73
N TYR A 216 2.77 -24.91 6.86
CA TYR A 216 4.19 -24.66 7.00
C TYR A 216 4.50 -23.88 8.27
N GLU A 217 3.67 -22.87 8.60
CA GLU A 217 3.79 -22.14 9.85
C GLU A 217 3.68 -23.03 11.07
N LEU A 218 2.77 -23.98 10.99
CA LEU A 218 2.60 -24.94 12.06
C LEU A 218 3.82 -25.87 12.15
N CYS A 219 4.45 -26.20 11.02
CA CYS A 219 5.63 -27.09 11.04
C CYS A 219 6.93 -26.42 11.44
N THR A 220 7.07 -25.12 11.19
CA THR A 220 8.35 -24.45 11.38
C THR A 220 8.30 -23.23 12.29
N LEU A 221 7.09 -22.78 12.60
CA LEU A 221 6.85 -21.56 13.36
C LEU A 221 7.24 -20.31 12.62
N LYS A 222 7.45 -20.42 11.30
CA LYS A 222 7.86 -19.30 10.46
C LYS A 222 7.08 -19.30 9.16
N HIS A 223 7.07 -18.15 8.47
CA HIS A 223 6.50 -18.11 7.11
C HIS A 223 7.41 -18.79 6.08
N ALA A 224 6.81 -19.48 5.12
CA ALA A 224 7.59 -20.17 4.09
C ALA A 224 8.34 -19.18 3.16
N PHE A 225 7.72 -18.04 2.90
CA PHE A 225 8.20 -17.08 1.92
C PHE A 225 8.29 -15.69 2.57
N GLU A 226 9.51 -15.30 2.89
CA GLU A 226 9.82 -13.99 3.43
C GLU A 226 10.92 -13.41 2.56
N ALA A 227 11.00 -12.08 2.53
CA ALA A 227 12.05 -11.40 1.78
C ALA A 227 12.17 -9.96 2.23
N GLY A 228 13.24 -9.31 1.79
CA GLY A 228 13.57 -7.95 2.22
C GLY A 228 12.74 -6.86 1.57
N SER A 229 11.89 -7.24 0.62
CA SER A 229 10.99 -6.31 -0.04
C SER A 229 9.80 -7.07 -0.59
N MET A 230 8.72 -6.34 -0.83
CA MET A 230 7.55 -6.88 -1.49
C MET A 230 7.88 -7.44 -2.87
N LYS A 231 8.69 -6.72 -3.63
CA LYS A 231 9.06 -7.14 -4.97
C LYS A 231 9.83 -8.46 -4.98
N ASN A 232 10.75 -8.62 -4.04
CA ASN A 232 11.58 -9.82 -3.96
C ASN A 232 10.80 -10.98 -3.33
N LEU A 233 9.85 -10.65 -2.47
CA LEU A 233 8.92 -11.65 -1.96
C LEU A 233 8.15 -12.30 -3.09
N VAL A 234 7.65 -11.47 -3.99
CA VAL A 234 6.94 -11.93 -5.18
C VAL A 234 7.83 -12.89 -6.00
N LEU A 235 9.09 -12.54 -6.21
CA LEU A 235 10.00 -13.40 -6.99
C LEU A 235 10.28 -14.74 -6.28
N LYS A 236 10.43 -14.71 -4.97
CA LYS A 236 10.64 -15.95 -4.20
C LYS A 236 9.41 -16.89 -4.27
N ILE A 237 8.21 -16.31 -4.19
CA ILE A 237 6.97 -17.09 -4.25
C ILE A 237 6.85 -17.77 -5.61
N ILE A 238 7.09 -17.03 -6.69
CA ILE A 238 7.06 -17.60 -8.05
C ILE A 238 8.11 -18.70 -8.24
N SER A 239 9.32 -18.48 -7.72
CA SER A 239 10.38 -19.50 -7.79
C SER A 239 9.99 -20.76 -7.03
N GLY A 240 9.18 -20.59 -5.98
CA GLY A 240 8.64 -21.71 -5.23
C GLY A 240 9.64 -22.29 -4.24
N SER A 241 10.72 -21.56 -3.99
CA SER A 241 11.79 -22.01 -3.12
C SER A 241 11.64 -21.57 -1.67
N PHE A 242 11.63 -22.54 -0.76
CA PHE A 242 11.38 -22.30 0.67
C PHE A 242 12.29 -23.20 1.53
N PRO A 243 12.62 -22.74 2.76
CA PRO A 243 13.46 -23.57 3.63
C PRO A 243 12.75 -24.89 4.01
N PRO A 244 13.44 -26.04 3.83
CA PRO A 244 12.79 -27.33 4.09
C PRO A 244 12.31 -27.47 5.53
N VAL A 245 11.21 -28.20 5.71
CA VAL A 245 10.70 -28.58 7.02
C VAL A 245 11.68 -29.55 7.73
N SER A 246 11.72 -29.49 9.06
CA SER A 246 12.53 -30.42 9.87
C SER A 246 12.28 -31.88 9.49
N LEU A 247 13.40 -32.60 9.32
CA LEU A 247 13.33 -34.00 8.91
C LEU A 247 12.84 -34.94 10.00
N HIS A 248 12.61 -34.44 11.21
CA HIS A 248 12.05 -35.30 12.23
C HIS A 248 10.52 -35.47 12.01
N TYR A 249 9.91 -34.59 11.21
CA TYR A 249 8.52 -34.82 10.79
C TYR A 249 8.48 -35.98 9.79
N SER A 250 7.37 -36.69 9.78
CA SER A 250 7.18 -37.84 8.89
C SER A 250 7.33 -37.47 7.42
N TYR A 251 7.66 -38.47 6.63
CA TYR A 251 7.68 -38.35 5.18
C TYR A 251 6.31 -37.92 4.63
N ASP A 252 5.22 -38.49 5.19
CA ASP A 252 3.86 -38.12 4.79
C ASP A 252 3.62 -36.61 4.89
N LEU A 253 3.96 -36.05 6.04
CA LEU A 253 3.77 -34.64 6.29
C LEU A 253 4.67 -33.76 5.42
N ARG A 254 5.95 -34.12 5.32
CA ARG A 254 6.88 -33.35 4.50
C ARG A 254 6.50 -33.37 3.01
N SER A 255 6.08 -34.51 2.53
CA SER A 255 5.63 -34.64 1.16
C SER A 255 4.33 -33.84 0.88
N LEU A 256 3.42 -33.79 1.84
CA LEU A 256 2.18 -32.99 1.71
C LEU A 256 2.52 -31.51 1.59
N VAL A 257 3.42 -31.02 2.45
CA VAL A 257 3.88 -29.63 2.36
C VAL A 257 4.36 -29.29 0.96
N SER A 258 5.17 -30.15 0.37
CA SER A 258 5.67 -29.94 -0.98
C SER A 258 4.58 -29.91 -2.05
N GLN A 259 3.58 -30.78 -1.92
CA GLN A 259 2.46 -30.82 -2.89
C GLN A 259 1.59 -29.54 -2.87
N LEU A 260 1.36 -28.99 -1.69
CA LEU A 260 0.56 -27.75 -1.56
C LEU A 260 1.26 -26.53 -2.15
N PHE A 261 2.59 -26.58 -2.22
CA PHE A 261 3.39 -25.48 -2.79
C PHE A 261 3.79 -25.75 -4.24
N LYS A 262 3.06 -26.61 -4.95
CA LYS A 262 3.32 -26.77 -6.39
C LYS A 262 3.06 -25.45 -7.09
N ARG A 263 3.96 -25.09 -8.02
CA ARG A 263 3.90 -23.82 -8.73
C ARG A 263 2.60 -23.67 -9.53
N ASN A 264 2.23 -24.73 -10.23
CA ASN A 264 1.01 -24.74 -11.06
C ASN A 264 -0.20 -25.15 -10.22
N PRO A 265 -1.22 -24.27 -10.11
CA PRO A 265 -2.42 -24.59 -9.33
C PRO A 265 -3.01 -25.97 -9.58
N ARG A 266 -3.09 -26.38 -10.83
CA ARG A 266 -3.74 -27.64 -11.13
C ARG A 266 -2.94 -28.86 -10.65
N ASP A 267 -1.68 -28.67 -10.30
CA ASP A 267 -0.86 -29.75 -9.68
C ASP A 267 -1.00 -29.83 -8.16
N ARG A 268 -1.62 -28.85 -7.53
CA ARG A 268 -1.87 -28.93 -6.08
C ARG A 268 -3.07 -29.84 -5.86
N PRO A 269 -3.07 -30.65 -4.78
CA PRO A 269 -4.24 -31.49 -4.51
C PRO A 269 -5.43 -30.68 -4.09
N SER A 270 -6.62 -31.17 -4.44
CA SER A 270 -7.84 -30.60 -3.86
C SER A 270 -7.95 -30.89 -2.37
N VAL A 271 -8.77 -30.13 -1.65
CA VAL A 271 -8.93 -30.39 -0.21
C VAL A 271 -9.53 -31.79 0.01
N ASN A 272 -10.43 -32.21 -0.89
CA ASN A 272 -10.97 -33.58 -0.84
C ASN A 272 -9.84 -34.64 -0.97
N SER A 273 -8.86 -34.38 -1.83
CA SER A 273 -7.70 -35.28 -1.98
C SER A 273 -6.80 -35.27 -0.77
N ILE A 274 -6.65 -34.11 -0.14
CA ILE A 274 -5.86 -34.05 1.09
C ILE A 274 -6.48 -34.92 2.19
N LEU A 275 -7.81 -34.81 2.33
CA LEU A 275 -8.55 -35.56 3.38
C LEU A 275 -8.58 -37.06 3.14
N GLU A 276 -8.28 -37.46 1.93
CA GLU A 276 -8.25 -38.84 1.58
C GLU A 276 -6.92 -39.51 1.89
N LYS A 277 -5.89 -38.73 2.16
CA LYS A 277 -4.59 -39.31 2.53
C LYS A 277 -4.68 -40.00 3.90
N GLY A 278 -4.22 -41.24 3.99
CA GLY A 278 -4.42 -42.08 5.15
C GLY A 278 -4.09 -41.44 6.49
N PHE A 279 -2.95 -40.79 6.57
CA PHE A 279 -2.49 -40.24 7.87
C PHE A 279 -3.31 -39.04 8.33
N ILE A 280 -4.08 -38.46 7.41
CA ILE A 280 -5.08 -37.43 7.71
C ILE A 280 -6.46 -38.04 7.91
N ALA A 281 -6.86 -38.93 6.99
CA ALA A 281 -8.21 -39.56 7.03
C ALA A 281 -8.57 -40.24 8.36
N LYS A 282 -7.59 -40.90 8.97
CA LYS A 282 -7.83 -41.62 10.24
C LYS A 282 -8.13 -40.68 11.42
N ARG A 283 -7.99 -39.38 11.22
CA ARG A 283 -8.27 -38.44 12.31
C ARG A 283 -9.67 -37.83 12.18
N ILE A 284 -10.30 -38.00 11.02
CA ILE A 284 -11.55 -37.28 10.76
C ILE A 284 -12.64 -37.63 11.79
N GLU A 285 -12.70 -38.90 12.16
CA GLU A 285 -13.69 -39.44 13.11
C GLU A 285 -13.68 -38.77 14.48
N LYS A 286 -12.55 -38.23 14.91
CA LYS A 286 -12.48 -37.48 16.16
C LYS A 286 -13.24 -36.17 16.12
N PHE A 287 -13.52 -35.68 14.92
CA PHE A 287 -14.00 -34.31 14.75
C PHE A 287 -15.39 -34.18 14.17
N LEU A 288 -15.90 -35.23 13.53
CA LEU A 288 -17.23 -35.22 12.93
C LEU A 288 -17.96 -36.48 13.33
N SER A 289 -19.25 -36.34 13.56
CA SER A 289 -20.13 -37.46 13.87
C SER A 289 -20.30 -38.30 12.61
N PRO A 290 -20.72 -39.56 12.78
CA PRO A 290 -21.07 -40.32 11.59
C PRO A 290 -22.04 -39.61 10.65
N GLN A 291 -23.09 -39.00 11.19
CA GLN A 291 -24.06 -38.30 10.34
C GLN A 291 -23.40 -37.23 9.48
N LEU A 292 -22.56 -36.43 10.10
CA LEU A 292 -21.85 -35.39 9.34
C LEU A 292 -20.85 -35.94 8.31
N ILE A 293 -20.20 -37.05 8.64
CA ILE A 293 -19.30 -37.68 7.69
C ILE A 293 -20.07 -38.11 6.49
N ALA A 294 -21.15 -38.84 6.71
CA ALA A 294 -21.98 -39.32 5.60
C ALA A 294 -22.49 -38.15 4.75
N GLU A 295 -22.97 -37.10 5.42
CA GLU A 295 -23.49 -35.94 4.69
C GLU A 295 -22.39 -35.16 3.93
N GLU A 296 -21.27 -34.85 4.59
CA GLU A 296 -20.18 -34.05 3.98
C GLU A 296 -19.47 -34.83 2.84
N PHE A 297 -19.23 -36.13 3.02
CA PHE A 297 -18.35 -36.87 2.12
C PHE A 297 -19.05 -37.67 1.08
N CYS A 298 -20.30 -38.02 1.34
CA CYS A 298 -20.96 -39.05 0.56
C CYS A 298 -22.27 -38.51 -0.06
N LEU A 299 -23.12 -37.82 0.70
CA LEU A 299 -24.52 -37.56 0.27
C LEU A 299 -24.80 -36.20 -0.39
N LYS A 300 -24.40 -35.10 0.23
CA LYS A 300 -24.73 -33.80 -0.33
C LYS A 300 -23.85 -33.46 -1.49
N THR A 301 -24.44 -33.26 -2.66
CA THR A 301 -23.67 -32.98 -3.86
C THR A 301 -23.78 -31.50 -4.24
N PHE A 302 -22.68 -30.94 -4.69
CA PHE A 302 -22.70 -29.58 -5.20
C PHE A 302 -22.02 -29.58 -6.55
N SER A 303 -22.39 -28.59 -7.34
CA SER A 303 -21.97 -28.61 -8.72
C SER A 303 -22.05 -27.17 -9.19
N LYS A 304 -21.25 -26.83 -10.20
CA LYS A 304 -21.37 -25.53 -10.82
C LYS A 304 -22.64 -25.49 -11.66
N PHE A 305 -23.29 -26.64 -11.89
CA PHE A 305 -24.69 -26.66 -12.38
C PHE A 305 -25.74 -26.62 -11.24
N GLY A 306 -26.82 -25.85 -11.43
CA GLY A 306 -27.86 -25.71 -10.40
N HIS B 4 20.56 36.04 -46.35
CA HIS B 4 20.86 37.10 -45.36
C HIS B 4 22.38 37.26 -45.19
N HIS B 5 22.92 38.39 -45.66
CA HIS B 5 24.35 38.67 -45.55
C HIS B 5 24.67 38.82 -44.07
N HIS B 6 25.18 37.75 -43.45
CA HIS B 6 25.34 37.74 -42.00
C HIS B 6 26.79 37.70 -41.50
N HIS B 7 26.97 38.28 -40.32
CA HIS B 7 28.15 38.05 -39.50
C HIS B 7 27.85 38.41 -38.02
N VAL B 11 23.18 34.92 -33.63
CA VAL B 11 21.77 34.72 -33.92
C VAL B 11 21.48 34.95 -35.41
N ASP B 12 21.55 33.88 -36.19
CA ASP B 12 21.09 33.88 -37.60
C ASP B 12 19.57 33.76 -37.61
N LEU B 13 18.91 34.34 -38.61
CA LEU B 13 17.44 34.24 -38.69
C LEU B 13 17.05 32.79 -39.00
N GLY B 14 15.86 32.37 -38.57
CA GLY B 14 15.42 30.97 -38.67
C GLY B 14 16.12 30.01 -37.69
N THR B 15 16.77 30.58 -36.67
CA THR B 15 17.41 29.81 -35.62
C THR B 15 16.46 29.69 -34.43
N GLU B 16 15.35 30.44 -34.43
CA GLU B 16 14.34 30.29 -33.37
C GLU B 16 13.65 28.94 -33.60
N ASN B 17 13.52 28.17 -32.54
CA ASN B 17 12.85 26.86 -32.60
C ASN B 17 11.34 27.07 -32.53
N LEU B 18 10.57 26.29 -33.28
CA LEU B 18 9.11 26.34 -33.20
C LEU B 18 8.62 24.91 -33.00
N TYR B 19 7.85 24.73 -31.94
CA TYR B 19 7.23 23.43 -31.63
C TYR B 19 5.83 23.72 -31.09
N PHE B 20 4.85 23.01 -31.61
CA PHE B 20 3.54 23.04 -31.00
C PHE B 20 2.79 21.77 -31.37
N GLN B 21 1.89 21.41 -30.46
CA GLN B 21 1.07 20.24 -30.57
C GLN B 21 -0.42 20.59 -30.64
N SER B 22 -0.82 21.85 -30.48
CA SER B 22 -2.24 22.19 -30.57
C SER B 22 -2.38 23.67 -30.80
N MET B 23 -3.58 24.11 -31.18
CA MET B 23 -3.84 25.54 -31.43
C MET B 23 -4.19 26.33 -30.17
N GLU B 24 -4.39 25.63 -29.05
CA GLU B 24 -4.95 26.27 -27.89
C GLU B 24 -4.09 27.47 -27.46
N LYS B 25 -4.75 28.58 -27.16
CA LYS B 25 -4.06 29.79 -26.76
C LYS B 25 -4.30 30.06 -25.27
N TYR B 26 -3.29 30.62 -24.62
CA TYR B 26 -3.36 30.91 -23.19
C TYR B 26 -3.15 32.40 -22.93
N VAL B 27 -3.97 32.98 -22.06
CA VAL B 27 -3.81 34.40 -21.68
C VAL B 27 -3.11 34.50 -20.34
N ARG B 28 -2.03 35.29 -20.28
CA ARG B 28 -1.30 35.48 -19.03
C ARG B 28 -2.15 36.25 -18.02
N LEU B 29 -2.29 35.72 -16.81
CA LEU B 29 -3.02 36.42 -15.77
C LEU B 29 -2.07 37.04 -14.74
N GLN B 30 -1.01 36.33 -14.38
CA GLN B 30 -0.25 36.65 -13.19
C GLN B 30 1.00 35.77 -13.11
N LYS B 31 2.11 36.32 -12.62
CA LYS B 31 3.24 35.48 -12.18
C LYS B 31 2.82 34.82 -10.87
N ILE B 32 3.27 33.59 -10.65
CA ILE B 32 3.07 32.92 -9.37
C ILE B 32 4.39 32.36 -8.84
N GLY B 33 5.45 32.46 -9.66
CA GLY B 33 6.83 32.21 -9.19
C GLY B 33 7.87 32.25 -10.29
N LYS B 39 10.30 31.47 -14.81
CA LYS B 39 9.67 30.31 -14.17
C LYS B 39 8.13 30.44 -14.38
N ALA B 40 7.30 30.48 -13.31
CA ALA B 40 5.86 30.10 -13.42
C ALA B 40 4.80 31.20 -13.58
N ILE B 41 3.89 30.99 -14.54
CA ILE B 41 2.85 31.94 -14.89
C ILE B 41 1.44 31.33 -14.82
N LEU B 42 0.52 32.02 -14.15
CA LEU B 42 -0.87 31.59 -14.16
C LEU B 42 -1.53 32.10 -15.44
N VAL B 43 -2.16 31.18 -16.19
CA VAL B 43 -2.82 31.50 -17.44
C VAL B 43 -4.25 30.95 -17.47
N LYS B 44 -5.03 31.48 -18.40
CA LYS B 44 -6.37 31.04 -18.70
C LYS B 44 -6.39 30.64 -20.18
N SER B 45 -6.97 29.49 -20.50
CA SER B 45 -7.23 29.11 -21.87
C SER B 45 -8.31 29.98 -22.50
N THR B 46 -8.09 30.42 -23.73
CA THR B 46 -9.11 31.15 -24.50
C THR B 46 -10.14 30.19 -25.09
N GLU B 47 -9.82 28.90 -25.13
CA GLU B 47 -10.78 27.88 -25.52
C GLU B 47 -11.97 27.92 -24.56
N ASP B 48 -11.75 27.53 -23.31
CA ASP B 48 -12.85 27.34 -22.34
C ASP B 48 -12.65 28.05 -21.00
N GLY B 49 -11.72 28.99 -20.91
CA GLY B 49 -11.44 29.71 -19.66
C GLY B 49 -10.82 28.91 -18.51
N ARG B 50 -10.46 27.65 -18.71
CA ARG B 50 -9.79 26.88 -17.65
C ARG B 50 -8.39 27.43 -17.38
N GLN B 51 -8.00 27.35 -16.11
CA GLN B 51 -6.75 27.89 -15.64
C GLN B 51 -5.69 26.83 -15.73
N TYR B 52 -4.47 27.25 -16.05
CA TYR B 52 -3.27 26.38 -16.13
C TYR B 52 -2.08 27.16 -15.61
N VAL B 53 -1.01 26.44 -15.34
CA VAL B 53 0.24 27.02 -15.03
C VAL B 53 1.22 26.72 -16.15
N ILE B 54 1.98 27.72 -16.56
CA ILE B 54 3.01 27.59 -17.57
C ILE B 54 4.35 27.96 -16.97
N LYS B 55 5.32 27.09 -17.13
CA LYS B 55 6.68 27.35 -16.78
C LYS B 55 7.46 27.64 -18.06
N GLU B 56 8.18 28.76 -18.05
CA GLU B 56 8.95 29.20 -19.19
C GLU B 56 10.41 28.96 -18.91
N ILE B 57 11.11 28.33 -19.84
CA ILE B 57 12.53 28.10 -19.75
C ILE B 57 13.17 28.78 -20.96
N ASN B 58 14.19 29.59 -20.75
CA ASN B 58 14.93 30.09 -21.92
C ASN B 58 15.76 28.99 -22.57
N ILE B 59 15.70 28.95 -23.89
CA ILE B 59 16.38 27.94 -24.70
C ILE B 59 17.45 28.56 -25.58
N SER B 60 17.16 29.72 -26.14
CA SER B 60 18.04 30.35 -27.15
C SER B 60 19.48 30.56 -26.68
N ARG B 61 19.70 30.71 -25.38
CA ARG B 61 21.06 30.83 -24.81
C ARG B 61 21.63 29.53 -24.23
N MET B 62 21.15 28.39 -24.72
CA MET B 62 21.69 27.08 -24.36
C MET B 62 22.59 26.56 -25.49
N SER B 63 23.56 25.73 -25.11
CA SER B 63 24.41 25.01 -26.06
C SER B 63 23.61 23.97 -26.83
N SER B 64 24.30 23.26 -27.73
CA SER B 64 23.70 22.08 -28.37
C SER B 64 23.37 21.01 -27.31
N LYS B 65 24.36 20.66 -26.51
CA LYS B 65 24.22 19.65 -25.45
C LYS B 65 23.07 19.97 -24.50
N GLU B 66 23.05 21.18 -23.96
CA GLU B 66 22.05 21.60 -22.97
C GLU B 66 20.62 21.55 -23.52
N ARG B 67 20.47 21.86 -24.80
CA ARG B 67 19.18 21.74 -25.47
C ARG B 67 18.78 20.30 -25.65
N GLU B 68 19.73 19.42 -25.96
CA GLU B 68 19.37 18.00 -26.10
C GLU B 68 18.99 17.39 -24.73
N GLU B 69 19.61 17.87 -23.65
CA GLU B 69 19.24 17.46 -22.28
C GLU B 69 17.89 18.03 -21.83
N SER B 70 17.59 19.28 -22.22
CA SER B 70 16.30 19.84 -21.87
C SER B 70 15.20 19.08 -22.60
N ARG B 71 15.45 18.75 -23.87
CA ARG B 71 14.49 17.97 -24.64
C ARG B 71 14.24 16.62 -24.01
N ARG B 72 15.31 15.97 -23.55
CA ARG B 72 15.23 14.72 -22.82
C ARG B 72 14.44 14.86 -21.53
N GLU B 73 14.73 15.90 -20.74
CA GLU B 73 13.93 16.19 -19.54
C GLU B 73 12.45 16.36 -19.87
N VAL B 74 12.11 17.13 -20.91
CA VAL B 74 10.68 17.39 -21.16
C VAL B 74 9.95 16.13 -21.59
N ALA B 75 10.59 15.30 -22.39
CA ALA B 75 10.01 14.05 -22.79
C ALA B 75 9.71 13.19 -21.56
N VAL B 76 10.62 13.20 -20.58
CA VAL B 76 10.36 12.46 -19.32
C VAL B 76 9.14 13.04 -18.60
N LEU B 77 9.09 14.37 -18.44
CA LEU B 77 7.95 15.05 -17.85
C LEU B 77 6.67 14.70 -18.62
N ALA B 78 6.74 14.73 -19.94
CA ALA B 78 5.56 14.55 -20.77
C ALA B 78 4.97 13.16 -20.64
N ASN B 79 5.77 12.18 -20.24
CA ASN B 79 5.25 10.81 -20.14
C ASN B 79 4.85 10.38 -18.75
N MET B 80 5.15 11.20 -17.76
CA MET B 80 4.92 10.90 -16.37
C MET B 80 3.42 11.10 -16.04
N LYS B 81 2.79 10.13 -15.40
CA LYS B 81 1.37 10.23 -15.01
C LYS B 81 1.18 9.51 -13.67
N HIS B 82 0.73 10.27 -12.67
CA HIS B 82 0.51 9.72 -11.36
C HIS B 82 -0.47 10.69 -10.70
N PRO B 83 -1.35 10.18 -9.83
CA PRO B 83 -2.36 11.06 -9.20
C PRO B 83 -1.75 12.06 -8.24
N ASN B 84 -0.52 11.85 -7.79
CA ASN B 84 0.11 12.77 -6.84
C ASN B 84 1.28 13.58 -7.46
N ILE B 85 1.31 13.64 -8.80
CA ILE B 85 2.22 14.52 -9.55
C ILE B 85 1.39 15.49 -10.39
N VAL B 86 1.84 16.76 -10.44
CA VAL B 86 1.09 17.78 -11.17
C VAL B 86 0.98 17.31 -12.65
N GLN B 87 -0.20 17.39 -13.24
CA GLN B 87 -0.43 16.78 -14.52
C GLN B 87 0.05 17.71 -15.66
N TYR B 88 0.90 17.16 -16.48
CA TYR B 88 1.43 17.83 -17.67
C TYR B 88 0.34 17.87 -18.73
N ARG B 89 0.21 19.00 -19.45
CA ARG B 89 -0.78 19.16 -20.49
C ARG B 89 -0.10 19.12 -21.87
N GLU B 90 0.83 20.01 -22.11
CA GLU B 90 1.54 20.04 -23.38
C GLU B 90 2.75 20.95 -23.21
N SER B 91 3.58 21.03 -24.23
CA SER B 91 4.59 22.03 -24.27
C SER B 91 4.64 22.67 -25.66
N PHE B 92 5.29 23.83 -25.70
CA PHE B 92 5.50 24.47 -26.98
C PHE B 92 6.78 25.32 -26.92
N GLU B 93 7.33 25.63 -28.07
CA GLU B 93 8.54 26.47 -28.18
C GLU B 93 8.24 27.59 -29.15
N GLU B 94 8.66 28.79 -28.80
CA GLU B 94 8.51 29.99 -29.60
C GLU B 94 9.33 31.10 -28.95
N ASN B 95 9.78 32.06 -29.76
CA ASN B 95 10.47 33.26 -29.31
C ASN B 95 11.70 33.01 -28.41
N GLY B 96 12.38 31.88 -28.61
CA GLY B 96 13.58 31.52 -27.85
C GLY B 96 13.35 30.90 -26.50
N SER B 97 12.09 30.57 -26.20
CA SER B 97 11.75 29.87 -24.97
C SER B 97 10.98 28.57 -25.20
N LEU B 98 11.03 27.74 -24.18
CA LEU B 98 10.29 26.52 -24.04
C LEU B 98 9.25 26.78 -22.98
N TYR B 99 8.03 26.31 -23.21
CA TYR B 99 6.96 26.55 -22.28
C TYR B 99 6.33 25.22 -21.97
N ILE B 100 6.16 24.94 -20.69
CA ILE B 100 5.49 23.70 -20.24
C ILE B 100 4.15 24.07 -19.60
N VAL B 101 3.07 23.49 -20.12
CA VAL B 101 1.76 23.75 -19.62
C VAL B 101 1.36 22.60 -18.70
N MET B 102 0.91 22.98 -17.50
CA MET B 102 0.36 22.00 -16.56
C MET B 102 -0.91 22.42 -15.84
N ASP B 103 -1.52 21.45 -15.16
CA ASP B 103 -2.74 21.76 -14.44
C ASP B 103 -2.51 22.70 -13.26
N TYR B 104 -3.47 23.58 -13.03
CA TYR B 104 -3.43 24.50 -11.94
C TYR B 104 -4.00 23.83 -10.68
N CYS B 105 -3.22 23.79 -9.61
CA CYS B 105 -3.69 23.27 -8.31
C CYS B 105 -4.30 24.39 -7.45
N GLU B 106 -5.60 24.36 -7.31
CA GLU B 106 -6.36 25.50 -6.76
C GLU B 106 -6.13 25.78 -5.27
N GLY B 107 -5.59 24.81 -4.55
CA GLY B 107 -5.33 24.95 -3.13
C GLY B 107 -4.00 25.57 -2.80
N GLY B 108 -3.21 25.90 -3.81
CA GLY B 108 -1.91 26.54 -3.57
C GLY B 108 -0.82 25.59 -3.07
N ASP B 109 0.32 26.15 -2.68
CA ASP B 109 1.48 25.33 -2.27
C ASP B 109 1.49 25.09 -0.77
N LEU B 110 2.23 24.07 -0.36
CA LEU B 110 2.33 23.70 1.03
C LEU B 110 3.04 24.74 1.84
N PHE B 111 3.99 25.44 1.23
CA PHE B 111 4.69 26.52 1.92
C PHE B 111 3.70 27.51 2.51
N LYS B 112 2.78 27.99 1.68
CA LYS B 112 1.75 28.90 2.10
C LYS B 112 0.83 28.28 3.13
N ARG B 113 0.49 27.02 2.93
CA ARG B 113 -0.42 26.33 3.84
CA ARG B 113 -0.42 26.34 3.85
C ARG B 113 0.20 26.25 5.26
N ILE B 114 1.51 26.05 5.32
CA ILE B 114 2.22 25.97 6.58
C ILE B 114 2.18 27.31 7.28
N ASN B 115 2.52 28.38 6.55
CA ASN B 115 2.42 29.73 7.11
C ASN B 115 1.03 30.15 7.57
N ALA B 116 0.00 29.68 6.88
CA ALA B 116 -1.37 29.99 7.24
C ALA B 116 -1.79 29.40 8.59
N GLN B 117 -1.05 28.42 9.13
CA GLN B 117 -1.31 27.95 10.49
C GLN B 117 -1.03 29.00 11.57
N LYS B 118 -0.22 30.01 11.22
CA LYS B 118 0.21 31.05 12.14
C LYS B 118 0.66 30.46 13.48
N GLY B 119 1.53 29.48 13.43
CA GLY B 119 2.06 28.85 14.65
C GLY B 119 1.28 27.67 15.26
N VAL B 120 0.04 27.45 14.82
CA VAL B 120 -0.74 26.30 15.28
C VAL B 120 -0.29 25.00 14.60
N LEU B 121 0.19 24.05 15.39
CA LEU B 121 0.74 22.80 14.83
C LEU B 121 -0.35 21.93 14.20
N PHE B 122 0.00 21.27 13.10
CA PHE B 122 -0.95 20.39 12.43
C PHE B 122 -1.18 19.14 13.28
N GLN B 123 -2.34 18.53 13.13
CA GLN B 123 -2.58 17.22 13.69
C GLN B 123 -1.67 16.18 12.97
N GLU B 124 -1.22 15.19 13.71
CA GLU B 124 -0.40 14.14 13.12
C GLU B 124 -1.10 13.43 11.93
N ASP B 125 -2.39 13.15 12.05
CA ASP B 125 -3.08 12.47 10.93
C ASP B 125 -3.05 13.28 9.65
N GLN B 126 -3.15 14.61 9.74
CA GLN B 126 -3.03 15.45 8.56
C GLN B 126 -1.62 15.42 7.99
N ILE B 127 -0.61 15.46 8.86
CA ILE B 127 0.82 15.46 8.44
C ILE B 127 1.11 14.17 7.66
N LEU B 128 0.67 13.06 8.22
CA LEU B 128 0.86 11.76 7.63
C LEU B 128 0.09 11.53 6.33
N ASP B 129 -1.14 12.02 6.23
CA ASP B 129 -1.88 11.85 4.97
C ASP B 129 -1.25 12.63 3.83
N TRP B 130 -0.76 13.84 4.12
CA TRP B 130 0.00 14.60 3.13
C TRP B 130 1.30 13.95 2.80
N PHE B 131 2.02 13.53 3.84
CA PHE B 131 3.33 12.90 3.66
C PHE B 131 3.28 11.62 2.80
N VAL B 132 2.31 10.77 3.07
CA VAL B 132 2.20 9.52 2.27
C VAL B 132 2.04 9.83 0.77
N GLN B 133 1.25 10.84 0.44
CA GLN B 133 1.05 11.23 -0.95
C GLN B 133 2.34 11.73 -1.58
N ILE B 134 3.13 12.52 -0.85
CA ILE B 134 4.42 12.99 -1.36
C ILE B 134 5.35 11.77 -1.60
N CYS B 135 5.36 10.83 -0.65
CA CYS B 135 6.10 9.57 -0.81
C CYS B 135 5.67 8.75 -2.03
N LEU B 136 4.37 8.65 -2.28
CA LEU B 136 3.90 7.91 -3.45
C LEU B 136 4.37 8.55 -4.74
N ALA B 137 4.29 9.88 -4.84
CA ALA B 137 4.82 10.60 -5.99
C ALA B 137 6.30 10.32 -6.17
N LEU B 138 7.07 10.48 -5.09
CA LEU B 138 8.51 10.31 -5.15
C LEU B 138 8.90 8.87 -5.50
N LYS B 139 8.12 7.90 -5.02
CA LYS B 139 8.32 6.51 -5.44
C LYS B 139 8.20 6.36 -6.93
N HIS B 140 7.18 6.99 -7.53
CA HIS B 140 6.95 6.88 -8.94
C HIS B 140 8.19 7.40 -9.71
N VAL B 141 8.76 8.50 -9.25
CA VAL B 141 9.94 9.13 -9.88
C VAL B 141 11.18 8.26 -9.68
N HIS B 142 11.42 7.88 -8.42
CA HIS B 142 12.62 7.10 -8.06
C HIS B 142 12.61 5.70 -8.64
N ASP B 143 11.44 5.06 -8.75
CA ASP B 143 11.40 3.75 -9.39
C ASP B 143 11.96 3.79 -10.82
N ARG B 144 11.79 4.92 -11.51
CA ARG B 144 12.22 5.08 -12.87
C ARG B 144 13.65 5.63 -12.96
N LYS B 145 14.30 5.69 -11.80
CA LYS B 145 15.67 6.15 -11.67
C LYS B 145 15.85 7.62 -12.03
N ILE B 146 14.86 8.43 -11.66
CA ILE B 146 14.88 9.83 -11.95
C ILE B 146 15.11 10.55 -10.61
N LEU B 147 16.00 11.54 -10.59
CA LEU B 147 16.20 12.37 -9.42
C LEU B 147 15.27 13.58 -9.52
N HIS B 148 14.75 14.02 -8.41
CA HIS B 148 13.98 15.24 -8.33
C HIS B 148 14.80 16.31 -7.59
N ARG B 149 15.19 17.35 -8.26
CA ARG B 149 16.04 18.39 -7.60
CA ARG B 149 16.04 18.40 -7.67
C ARG B 149 15.22 19.35 -6.81
N ASP B 150 13.91 19.17 -6.78
CA ASP B 150 13.08 20.23 -6.24
C ASP B 150 11.94 19.74 -5.35
N ILE B 151 12.28 18.86 -4.45
CA ILE B 151 11.37 18.48 -3.37
C ILE B 151 11.47 19.61 -2.33
N LYS B 152 10.47 20.47 -2.36
CA LYS B 152 10.38 21.65 -1.53
C LYS B 152 8.92 21.95 -1.25
N SER B 153 8.63 22.54 -0.11
CA SER B 153 7.25 22.84 0.22
C SER B 153 6.65 23.86 -0.76
N GLN B 154 7.48 24.69 -1.36
CA GLN B 154 7.03 25.61 -2.42
C GLN B 154 6.73 24.90 -3.78
N ASN B 155 7.10 23.64 -3.90
CA ASN B 155 6.89 22.88 -5.12
C ASN B 155 6.01 21.65 -4.85
N ILE B 156 5.19 21.73 -3.79
CA ILE B 156 4.17 20.70 -3.48
C ILE B 156 2.87 21.47 -3.33
N PHE B 157 1.82 20.99 -4.00
CA PHE B 157 0.59 21.78 -4.16
C PHE B 157 -0.63 20.94 -3.74
N LEU B 158 -1.73 21.62 -3.44
CA LEU B 158 -2.98 21.01 -3.09
C LEU B 158 -4.01 21.34 -4.16
N THR B 159 -4.74 20.31 -4.57
CA THR B 159 -5.84 20.48 -5.50
C THR B 159 -7.08 20.97 -4.77
N LYS B 160 -8.09 21.30 -5.54
CA LYS B 160 -9.36 21.78 -4.96
C LYS B 160 -9.97 20.79 -3.99
N ASP B 161 -9.80 19.49 -4.24
CA ASP B 161 -10.35 18.50 -3.32
C ASP B 161 -9.37 18.07 -2.21
N GLY B 162 -8.24 18.77 -2.09
CA GLY B 162 -7.24 18.51 -1.04
C GLY B 162 -6.14 17.49 -1.34
N THR B 163 -6.12 16.94 -2.55
CA THR B 163 -5.11 16.00 -2.98
C THR B 163 -3.77 16.74 -3.10
N VAL B 164 -2.70 16.09 -2.66
CA VAL B 164 -1.36 16.63 -2.72
C VAL B 164 -0.71 16.27 -4.06
N GLN B 165 -0.10 17.25 -4.74
CA GLN B 165 0.61 16.98 -5.97
C GLN B 165 2.00 17.56 -5.94
N LEU B 166 2.96 16.69 -6.17
CA LEU B 166 4.36 17.09 -6.29
C LEU B 166 4.59 17.72 -7.65
N GLY B 167 5.27 18.87 -7.66
CA GLY B 167 5.55 19.57 -8.89
C GLY B 167 6.48 18.74 -9.74
N ASP B 168 6.22 18.72 -11.03
CA ASP B 168 6.90 17.74 -11.91
C ASP B 168 8.21 18.40 -12.31
N PHE B 169 8.06 19.64 -12.72
CA PHE B 169 9.18 20.47 -13.05
C PHE B 169 10.25 20.39 -11.94
N GLY B 170 11.48 20.11 -12.34
CA GLY B 170 12.56 19.92 -11.39
C GLY B 170 13.14 18.54 -11.47
N ILE B 171 12.39 17.61 -12.06
CA ILE B 171 13.03 16.29 -12.30
C ILE B 171 14.32 16.48 -13.12
N ALA B 172 15.22 15.51 -12.92
CA ALA B 172 16.54 15.53 -13.51
C ALA B 172 17.02 14.12 -13.78
N ARG B 173 17.75 13.94 -14.89
CA ARG B 173 18.36 12.66 -15.22
C ARG B 173 19.72 12.45 -14.51
N VAL B 174 20.28 13.55 -14.00
CA VAL B 174 21.60 13.59 -13.35
C VAL B 174 21.72 15.05 -12.82
N LEU B 175 22.47 15.25 -11.73
CA LEU B 175 22.63 16.60 -11.14
C LEU B 175 24.10 16.88 -10.73
N ASN B 176 24.63 18.10 -11.01
CA ASN B 176 26.02 18.52 -10.69
C ASN B 176 26.12 19.19 -9.31
N SER B 177 27.06 18.75 -8.48
CA SER B 177 27.05 19.14 -7.05
C SER B 177 27.40 20.61 -6.84
N THR B 178 28.38 21.11 -7.57
CA THR B 178 28.76 22.53 -7.50
C THR B 178 27.59 23.42 -7.92
N VAL B 179 26.93 23.06 -9.03
CA VAL B 179 25.77 23.80 -9.51
C VAL B 179 24.61 23.76 -8.48
N GLU B 180 24.36 22.60 -7.87
CA GLU B 180 23.30 22.50 -6.85
C GLU B 180 23.62 23.40 -5.66
N LEU B 181 24.87 23.40 -5.24
CA LEU B 181 25.30 24.24 -4.13
C LEU B 181 25.12 25.73 -4.47
N ALA B 182 25.63 26.15 -5.62
CA ALA B 182 25.42 27.51 -6.13
C ALA B 182 23.94 27.92 -6.20
N ARG B 183 23.09 27.07 -6.75
CA ARG B 183 21.63 27.34 -6.89
C ARG B 183 21.04 27.64 -5.53
N ALA B 184 21.51 26.88 -4.55
CA ALA B 184 21.04 27.02 -3.17
C ALA B 184 21.50 28.31 -2.50
N CYS B 185 22.74 28.74 -2.72
CA CYS B 185 23.12 30.10 -2.23
C CYS B 185 22.14 31.15 -2.77
N ILE B 186 21.76 31.02 -4.03
CA ILE B 186 21.03 32.07 -4.77
C ILE B 186 19.54 32.02 -4.49
N GLY B 187 18.97 30.83 -4.41
CA GLY B 187 17.57 30.64 -4.20
C GLY B 187 17.37 30.20 -2.77
N THR B 188 16.64 29.12 -2.59
CA THR B 188 16.38 28.56 -1.28
C THR B 188 17.48 27.59 -0.88
N PRO B 189 18.13 27.79 0.26
CA PRO B 189 19.15 26.85 0.72
C PRO B 189 18.68 25.77 1.71
N TYR B 190 17.40 25.82 2.08
CA TYR B 190 16.96 25.02 3.25
C TYR B 190 16.89 23.52 3.03
N TYR B 191 17.03 23.08 1.79
CA TYR B 191 16.91 21.66 1.47
C TYR B 191 18.24 20.96 1.11
N LEU B 192 19.36 21.69 1.26
CA LEU B 192 20.68 21.21 0.91
C LEU B 192 21.10 20.04 1.80
N SER B 193 21.48 18.94 1.17
CA SER B 193 21.95 17.76 1.87
C SER B 193 23.42 17.91 2.27
N PRO B 194 23.88 17.15 3.28
CA PRO B 194 25.31 17.17 3.62
C PRO B 194 26.25 16.80 2.49
N GLU B 195 25.87 15.84 1.67
CA GLU B 195 26.75 15.34 0.63
C GLU B 195 27.03 16.39 -0.42
N ILE B 196 26.01 17.19 -0.73
CA ILE B 196 26.15 18.30 -1.65
C ILE B 196 27.02 19.38 -1.03
N CYS B 197 26.85 19.61 0.27
CA CYS B 197 27.70 20.56 0.99
C CYS B 197 29.20 20.19 0.92
N GLU B 198 29.49 18.91 0.75
CA GLU B 198 30.84 18.37 0.69
C GLU B 198 31.26 18.00 -0.73
N ASN B 199 30.48 18.46 -1.69
CA ASN B 199 30.76 18.23 -3.10
C ASN B 199 30.80 16.75 -3.50
N LYS B 200 29.94 15.94 -2.91
CA LYS B 200 29.82 14.54 -3.31
C LYS B 200 28.61 14.38 -4.24
N PRO B 201 28.49 13.23 -4.91
CA PRO B 201 27.45 13.11 -5.90
C PRO B 201 26.05 13.24 -5.32
N TYR B 202 25.17 13.93 -6.06
CA TYR B 202 23.75 13.97 -5.77
C TYR B 202 23.18 12.61 -6.06
N ASN B 203 22.35 12.08 -5.19
CA ASN B 203 21.81 10.73 -5.39
C ASN B 203 20.39 10.67 -4.84
N ASN B 204 19.75 9.52 -4.97
CA ASN B 204 18.38 9.43 -4.55
C ASN B 204 18.20 9.75 -3.07
N LYS B 205 19.23 9.51 -2.26
CA LYS B 205 19.12 9.79 -0.81
C LYS B 205 19.22 11.28 -0.51
N SER B 206 19.75 12.05 -1.47
CA SER B 206 19.70 13.54 -1.36
C SER B 206 18.27 14.04 -1.53
N ASP B 207 17.47 13.36 -2.35
CA ASP B 207 16.04 13.61 -2.43
C ASP B 207 15.35 13.29 -1.11
N ILE B 208 15.77 12.17 -0.50
CA ILE B 208 15.24 11.74 0.78
C ILE B 208 15.52 12.78 1.88
N TRP B 209 16.70 13.35 1.88
CA TRP B 209 17.00 14.43 2.81
C TRP B 209 16.00 15.58 2.63
N ALA B 210 15.74 15.97 1.38
CA ALA B 210 14.82 17.08 1.09
C ALA B 210 13.40 16.73 1.52
N LEU B 211 13.01 15.50 1.27
CA LEU B 211 11.75 14.96 1.81
C LEU B 211 11.66 15.12 3.33
N GLY B 212 12.76 14.82 4.02
CA GLY B 212 12.86 15.02 5.49
C GLY B 212 12.68 16.48 5.87
N CYS B 213 13.28 17.40 5.09
CA CYS B 213 13.06 18.82 5.35
C CYS B 213 11.59 19.22 5.27
N VAL B 214 10.88 18.67 4.28
CA VAL B 214 9.47 18.96 4.08
C VAL B 214 8.67 18.38 5.26
N LEU B 215 8.94 17.12 5.61
CA LEU B 215 8.33 16.53 6.76
C LEU B 215 8.55 17.32 8.05
N TYR B 216 9.77 17.84 8.23
CA TYR B 216 10.07 18.62 9.39
C TYR B 216 9.28 19.95 9.42
N GLU B 217 9.17 20.60 8.27
CA GLU B 217 8.34 21.79 8.13
C GLU B 217 6.90 21.54 8.50
N LEU B 218 6.41 20.39 8.13
CA LEU B 218 5.07 20.01 8.43
C LEU B 218 4.93 19.74 9.94
N CYS B 219 5.97 19.21 10.58
CA CYS B 219 5.91 18.95 12.03
C CYS B 219 6.12 20.16 12.93
N THR B 220 6.84 21.16 12.45
CA THR B 220 7.25 22.27 13.32
C THR B 220 6.88 23.66 12.78
N LEU B 221 6.44 23.73 11.53
CA LEU B 221 6.14 24.95 10.82
C LEU B 221 7.38 25.81 10.57
N LYS B 222 8.57 25.22 10.71
CA LYS B 222 9.86 25.89 10.55
C LYS B 222 10.82 25.01 9.75
N HIS B 223 11.89 25.61 9.21
CA HIS B 223 12.96 24.85 8.62
C HIS B 223 13.87 24.21 9.64
N ALA B 224 14.34 23.00 9.37
CA ALA B 224 15.18 22.27 10.30
C ALA B 224 16.55 22.92 10.47
N PHE B 225 17.07 23.47 9.37
CA PHE B 225 18.45 23.95 9.32
C PHE B 225 18.42 25.39 8.89
N GLU B 226 18.55 26.26 9.87
CA GLU B 226 18.58 27.71 9.65
C GLU B 226 19.80 28.21 10.37
N ALA B 227 20.31 29.35 9.90
CA ALA B 227 21.49 29.94 10.51
C ALA B 227 21.59 31.37 10.05
N GLY B 228 22.49 32.10 10.68
CA GLY B 228 22.65 33.53 10.43
C GLY B 228 23.50 33.85 9.20
N SER B 229 24.06 32.83 8.56
CA SER B 229 24.78 33.01 7.30
C SER B 229 24.72 31.73 6.51
N MET B 230 24.92 31.85 5.20
CA MET B 230 25.02 30.70 4.34
C MET B 230 26.15 29.75 4.76
N LYS B 231 27.30 30.32 5.11
CA LYS B 231 28.46 29.51 5.45
C LYS B 231 28.22 28.68 6.72
N ASN B 232 27.51 29.27 7.70
CA ASN B 232 27.19 28.57 8.95
C ASN B 232 26.01 27.63 8.77
N LEU B 233 25.12 27.94 7.85
CA LEU B 233 24.07 27.01 7.47
C LEU B 233 24.67 25.71 6.95
N VAL B 234 25.69 25.83 6.10
CA VAL B 234 26.42 24.68 5.57
C VAL B 234 27.04 23.84 6.69
N LEU B 235 27.65 24.49 7.68
CA LEU B 235 28.26 23.77 8.81
C LEU B 235 27.19 23.07 9.68
N LYS B 236 26.04 23.72 9.87
CA LYS B 236 24.94 23.12 10.63
C LYS B 236 24.38 21.87 9.91
N ILE B 237 24.25 21.95 8.60
CA ILE B 237 23.72 20.84 7.83
C ILE B 237 24.65 19.65 7.92
N ILE B 238 25.96 19.89 7.76
CA ILE B 238 26.97 18.81 7.87
C ILE B 238 26.98 18.19 9.28
N SER B 239 26.86 19.02 10.31
CA SER B 239 26.80 18.53 11.70
C SER B 239 25.53 17.68 11.93
N GLY B 240 24.46 17.99 11.19
CA GLY B 240 23.25 17.21 11.24
C GLY B 240 22.39 17.49 12.45
N SER B 241 22.70 18.58 13.16
CA SER B 241 22.02 18.99 14.37
C SER B 241 20.85 19.97 14.13
N PHE B 242 19.66 19.60 14.59
CA PHE B 242 18.46 20.38 14.34
C PHE B 242 17.59 20.38 15.61
N PRO B 243 16.76 21.40 15.79
CA PRO B 243 15.88 21.42 16.97
C PRO B 243 14.89 20.26 16.95
N PRO B 244 14.81 19.49 18.05
CA PRO B 244 13.93 18.32 18.05
C PRO B 244 12.44 18.67 17.81
N VAL B 245 11.72 17.79 17.13
CA VAL B 245 10.26 17.88 16.95
C VAL B 245 9.53 17.78 18.32
N SER B 246 8.38 18.42 18.43
CA SER B 246 7.50 18.31 19.60
C SER B 246 7.25 16.87 20.00
N LEU B 247 7.42 16.60 21.29
CA LEU B 247 7.24 15.27 21.82
C LEU B 247 5.81 14.78 21.85
N HIS B 248 4.85 15.64 21.54
CA HIS B 248 3.47 15.16 21.48
C HIS B 248 3.22 14.36 20.19
N TYR B 249 4.07 14.50 19.18
CA TYR B 249 4.02 13.62 18.01
C TYR B 249 4.48 12.21 18.39
N SER B 250 3.93 11.21 17.71
CA SER B 250 4.24 9.79 18.01
C SER B 250 5.73 9.51 17.88
N TYR B 251 6.16 8.46 18.57
CA TYR B 251 7.48 7.92 18.42
C TYR B 251 7.79 7.55 16.96
N ASP B 252 6.82 6.94 16.27
CA ASP B 252 7.00 6.53 14.87
C ASP B 252 7.39 7.72 13.99
N LEU B 253 6.65 8.81 14.14
CA LEU B 253 6.90 10.00 13.36
C LEU B 253 8.22 10.65 13.72
N ARG B 254 8.50 10.78 15.02
CA ARG B 254 9.73 11.42 15.45
C ARG B 254 10.94 10.62 14.97
N SER B 255 10.85 9.30 15.08
CA SER B 255 11.94 8.44 14.66
C SER B 255 12.17 8.53 13.13
N LEU B 256 11.10 8.64 12.36
CA LEU B 256 11.21 8.76 10.89
C LEU B 256 11.93 10.04 10.54
N VAL B 257 11.55 11.14 11.19
CA VAL B 257 12.25 12.41 10.99
C VAL B 257 13.78 12.24 11.19
N SER B 258 14.18 11.58 12.29
CA SER B 258 15.60 11.35 12.59
C SER B 258 16.29 10.51 11.52
N GLN B 259 15.63 9.47 11.03
CA GLN B 259 16.20 8.62 9.98
C GLN B 259 16.43 9.37 8.64
N LEU B 260 15.53 10.26 8.26
CA LEU B 260 15.68 11.02 7.01
C LEU B 260 16.83 12.01 7.07
N PHE B 261 17.21 12.44 8.28
CA PHE B 261 18.29 13.34 8.49
C PHE B 261 19.58 12.64 8.90
N LYS B 262 19.73 11.36 8.61
CA LYS B 262 21.03 10.72 8.84
C LYS B 262 22.10 11.38 7.95
N ARG B 263 23.26 11.63 8.54
CA ARG B 263 24.35 12.34 7.87
C ARG B 263 24.84 11.59 6.63
N ASN B 264 24.96 10.28 6.76
CA ASN B 264 25.41 9.41 5.68
CA ASN B 264 25.40 9.45 5.65
C ASN B 264 24.22 8.99 4.82
N PRO B 265 24.23 9.34 3.50
CA PRO B 265 23.12 8.98 2.63
C PRO B 265 22.69 7.52 2.72
N ARG B 266 23.66 6.62 2.82
CA ARG B 266 23.30 5.23 2.81
CA ARG B 266 23.43 5.17 2.88
C ARG B 266 22.60 4.75 4.08
N ASP B 267 22.64 5.56 5.13
CA ASP B 267 21.83 5.27 6.31
C ASP B 267 20.40 5.80 6.26
N ARG B 268 20.05 6.61 5.27
CA ARG B 268 18.68 7.12 5.15
C ARG B 268 17.88 6.05 4.43
N PRO B 269 16.61 5.88 4.79
CA PRO B 269 15.80 4.89 4.09
C PRO B 269 15.44 5.33 2.66
N SER B 270 15.29 4.36 1.75
CA SER B 270 14.71 4.61 0.43
C SER B 270 13.24 4.93 0.57
N VAL B 271 12.67 5.56 -0.47
CA VAL B 271 11.25 5.91 -0.37
C VAL B 271 10.41 4.62 -0.28
N ASN B 272 10.85 3.56 -0.96
CA ASN B 272 10.17 2.25 -0.90
C ASN B 272 10.17 1.72 0.55
N SER B 273 11.28 1.90 1.25
CA SER B 273 11.36 1.53 2.66
CA SER B 273 11.35 1.51 2.67
C SER B 273 10.49 2.39 3.56
N ILE B 274 10.39 3.68 3.27
CA ILE B 274 9.51 4.53 4.06
C ILE B 274 8.05 4.02 3.95
N LEU B 275 7.64 3.69 2.73
CA LEU B 275 6.28 3.26 2.45
C LEU B 275 5.95 1.88 3.03
N GLU B 276 6.99 1.13 3.39
CA GLU B 276 6.84 -0.19 4.05
C GLU B 276 6.71 -0.08 5.57
N LYS B 277 6.94 1.10 6.16
CA LYS B 277 6.67 1.29 7.59
C LYS B 277 5.17 1.29 7.88
N GLY B 278 4.77 0.51 8.87
CA GLY B 278 3.36 0.23 9.13
C GLY B 278 2.45 1.44 9.25
N PHE B 279 2.88 2.47 9.99
CA PHE B 279 2.05 3.65 10.21
C PHE B 279 1.86 4.53 8.96
N ILE B 280 2.72 4.31 7.97
CA ILE B 280 2.58 4.92 6.64
C ILE B 280 1.85 4.00 5.67
N ALA B 281 2.23 2.72 5.64
CA ALA B 281 1.63 1.74 4.72
C ALA B 281 0.11 1.64 4.80
N LYS B 282 -0.43 1.70 6.02
CA LYS B 282 -1.89 1.59 6.22
C LYS B 282 -2.70 2.74 5.63
N ARG B 283 -2.04 3.78 5.13
CA ARG B 283 -2.75 4.92 4.56
C ARG B 283 -2.75 4.87 3.05
N ILE B 284 -1.93 4.01 2.46
CA ILE B 284 -1.72 4.07 0.98
C ILE B 284 -3.06 3.83 0.24
N GLU B 285 -3.84 2.93 0.80
CA GLU B 285 -5.12 2.50 0.26
C GLU B 285 -6.12 3.63 0.05
N LYS B 286 -6.03 4.66 0.87
CA LYS B 286 -6.86 5.88 0.67
C LYS B 286 -6.55 6.63 -0.61
N PHE B 287 -5.36 6.43 -1.16
CA PHE B 287 -4.83 7.33 -2.19
C PHE B 287 -4.62 6.71 -3.57
N LEU B 288 -4.54 5.40 -3.64
CA LEU B 288 -4.28 4.72 -4.90
C LEU B 288 -5.28 3.61 -5.11
N SER B 289 -5.60 3.38 -6.37
CA SER B 289 -6.51 2.33 -6.75
C SER B 289 -5.83 0.99 -6.62
N PRO B 290 -6.63 -0.09 -6.55
CA PRO B 290 -6.01 -1.39 -6.52
C PRO B 290 -5.12 -1.61 -7.71
N GLN B 291 -5.55 -1.19 -8.91
CA GLN B 291 -4.73 -1.37 -10.11
C GLN B 291 -3.35 -0.71 -9.98
N LEU B 292 -3.34 0.54 -9.56
CA LEU B 292 -2.07 1.26 -9.35
C LEU B 292 -1.21 0.66 -8.25
N ILE B 293 -1.84 0.20 -7.16
CA ILE B 293 -1.04 -0.45 -6.10
C ILE B 293 -0.39 -1.70 -6.67
N ALA B 294 -1.18 -2.58 -7.30
CA ALA B 294 -0.61 -3.80 -7.85
C ALA B 294 0.52 -3.51 -8.85
N GLU B 295 0.28 -2.57 -9.75
CA GLU B 295 1.24 -2.32 -10.81
C GLU B 295 2.54 -1.73 -10.24
N GLU B 296 2.42 -0.75 -9.38
CA GLU B 296 3.62 -0.05 -8.97
C GLU B 296 4.37 -0.68 -7.78
N PHE B 297 3.69 -1.51 -6.97
CA PHE B 297 4.40 -2.14 -5.84
C PHE B 297 4.77 -3.59 -6.13
N CYS B 298 4.13 -4.20 -7.11
CA CYS B 298 4.26 -5.64 -7.28
C CYS B 298 4.65 -6.00 -8.72
N LEU B 299 3.94 -5.55 -9.74
CA LEU B 299 4.03 -6.19 -11.07
C LEU B 299 5.07 -5.63 -12.03
N LYS B 300 5.27 -4.32 -12.04
CA LYS B 300 6.33 -3.76 -12.87
C LYS B 300 7.72 -4.01 -12.26
N THR B 301 8.73 -4.11 -13.12
CA THR B 301 10.11 -4.22 -12.65
C THR B 301 10.88 -2.93 -13.01
N PHE B 302 11.71 -2.46 -12.11
CA PHE B 302 12.46 -1.24 -12.35
C PHE B 302 13.93 -1.55 -12.14
N SER B 303 14.79 -1.08 -13.04
CA SER B 303 16.22 -1.36 -12.94
C SER B 303 17.07 -0.33 -13.70
N LYS B 304 18.31 -0.14 -13.24
CA LYS B 304 19.31 0.60 -14.01
C LYS B 304 19.77 -0.19 -15.24
N PHE B 305 19.49 -1.50 -15.31
CA PHE B 305 19.68 -2.26 -16.55
C PHE B 305 18.46 -2.14 -17.44
N GLY B 306 18.69 -2.04 -18.74
CA GLY B 306 17.60 -1.75 -19.69
C GLY B 306 17.23 -3.02 -20.41
N7A CK7 C . -10.03 -9.48 13.71
C3A CK7 C . -10.79 -10.52 14.00
N2A CK7 C . -11.69 -11.12 13.20
C1A CK7 C . -12.32 -12.18 13.78
C6A CK7 C . -13.36 -12.92 12.97
S4A CK7 C . -10.71 -11.30 15.47
C5A CK7 C . -11.94 -12.45 15.06
C4 CK7 C . -12.33 -13.40 15.95
N3 CK7 C . -11.59 -13.54 17.10
C5 CK7 C . -13.46 -14.23 15.77
C6 CK7 C . -13.76 -15.14 16.74
N1 CK7 C . -12.94 -15.22 17.87
C2 CK7 C . -11.87 -14.45 18.05
N7 CK7 C . -11.17 -14.63 19.22
C1B CK7 C . -10.00 -13.99 19.56
C6B CK7 C . -9.59 -14.00 20.92
C2B CK7 C . -9.15 -13.35 18.67
C3B CK7 C . -7.96 -12.73 19.10
N7B CK7 C . -7.18 -12.14 18.20
O8B CK7 C . -7.56 -12.27 16.74
O9B CK7 C . -5.90 -11.34 18.66
C4B CK7 C . -7.58 -12.76 20.46
C5B CK7 C . -8.41 -13.40 21.37
CL CL D . -2.38 -24.80 -13.79
CL CL E . -10.11 -27.79 -3.56
N7A CK7 F . 6.23 28.44 -9.22
C3A CK7 F . 5.32 27.52 -9.45
N2A CK7 F . 5.60 26.39 -10.07
C1A CK7 F . 4.51 25.63 -10.19
C6A CK7 F . 4.66 24.31 -10.91
S4A CK7 F . 3.69 27.59 -9.02
C5A CK7 F . 3.36 26.16 -9.69
C4 CK7 F . 2.12 25.65 -9.61
N3 CK7 F . 1.27 26.31 -8.79
C5 CK7 F . 1.71 24.53 -10.31
C6 CK7 F . 0.41 24.09 -10.15
N1 CK7 F . -0.44 24.77 -9.29
C2 CK7 F . -0.01 25.85 -8.61
N7 CK7 F . -0.91 26.38 -7.81
C1B CK7 F . -0.65 27.47 -7.04
C6B CK7 F . -1.73 28.23 -6.60
C2B CK7 F . 0.64 27.86 -6.61
C3B CK7 F . 0.83 28.98 -5.79
N7B CK7 F . 2.07 29.32 -5.40
O8B CK7 F . 3.10 28.75 -5.91
O9B CK7 F . 2.27 30.41 -4.35
C4B CK7 F . -0.26 29.73 -5.39
C5B CK7 F . -1.54 29.37 -5.79
CL CL G . 14.78 6.27 -2.66
C1 EDO H . -3.03 10.32 -13.28
O1 EDO H . -3.97 10.35 -12.22
C2 EDO H . -2.26 9.01 -13.31
O2 EDO H . -2.97 7.81 -12.97
#